data_3F4G
#
_entry.id   3F4G
#
_cell.length_a   71.203
_cell.length_b   71.203
_cell.length_c   137.711
_cell.angle_alpha   90.00
_cell.angle_beta   90.00
_cell.angle_gamma   120.00
#
_symmetry.space_group_name_H-M   'P 31 2 1'
#
loop_
_entity.id
_entity.type
_entity.pdbx_description
1 polymer 'FMN riboswitch'
2 polymer 'FMN riboswitch'
3 non-polymer 'POTASSIUM ION'
4 non-polymer 'MAGNESIUM ION'
5 non-polymer RIBOFLAVIN
#
loop_
_entity_poly.entity_id
_entity_poly.type
_entity_poly.pdbx_seq_one_letter_code
_entity_poly.pdbx_strand_id
1 'polyribonucleotide' GGAUCUUCGGGGCAGGGUGAAAUUCCCGACCGGUGGUAUAGUCCACGAAAGCUU X
2 'polyribonucleotide' GCUUUGAUUUGGUGAAAUUCCAAAACCGACAGUAGAGUCUGGAUGAGAGAAGAUUC Y
#